data_1YR7
#
_entry.id   1YR7
#
_cell.length_a   60.170
_cell.length_b   60.170
_cell.length_c   115.890
_cell.angle_alpha   90.00
_cell.angle_beta   90.00
_cell.angle_gamma   120.00
#
_symmetry.space_group_name_H-M   'P 32 2 1'
#
loop_
_entity.id
_entity.type
_entity.pdbx_description
1 polymer 'ATP(GTP)binding protein'
2 non-polymer "5'-GUANOSINE-DIPHOSPHATE-MONOTHIOPHOSPHATE"
3 water water
#
_entity_poly.entity_id   1
_entity_poly.type   'polypeptide(L)'
_entity_poly.pdbx_seq_one_letter_code
;MRGSHHHHHHGMASMIVVFVGTAGSGKTTLTGEFGRYLEDNYKVAYVNLDTGVKELPYEPSIDVREFVTVEEIMREGYGP
NGAIVESYDRLMEKFNEYLNKILRLEKENDYVLIDTPGQMETFLFHEFGVRLMENLPYPLVVYISDPEILKKPNDYCFVR
FFALLIDLRLGATTIPALNKVDLLSEEEKERHRKYFEDIDYLTARLKLDPSMQGLMAYKMCSMMTEVLPPVRVLYLSAKT
REGFEDLETLAYEHYCTCGDLT
;
_entity_poly.pdbx_strand_id   A
#
# COMPACT_ATOMS: atom_id res chain seq x y z
N SER A 14 -1.38 -3.34 19.01
CA SER A 14 -1.51 -1.91 18.60
C SER A 14 -0.83 -1.61 17.26
N MET A 15 -1.41 -0.67 16.52
CA MET A 15 -1.00 -0.26 15.16
C MET A 15 -0.52 -1.33 14.17
N ILE A 16 -1.36 -1.57 13.18
CA ILE A 16 -1.04 -2.45 12.10
C ILE A 16 -1.06 -1.58 10.86
N VAL A 17 0.09 -1.52 10.20
CA VAL A 17 0.20 -0.73 8.98
C VAL A 17 0.47 -1.70 7.86
N VAL A 18 -0.26 -1.54 6.75
CA VAL A 18 -0.20 -2.46 5.62
C VAL A 18 0.30 -1.76 4.36
N PHE A 19 1.42 -2.22 3.81
CA PHE A 19 1.92 -1.55 2.60
C PHE A 19 1.42 -2.24 1.36
N VAL A 20 0.82 -1.45 0.47
CA VAL A 20 0.10 -1.95 -0.70
C VAL A 20 0.49 -1.10 -1.93
N GLY A 21 0.76 -1.75 -3.06
CA GLY A 21 1.31 -1.06 -4.20
C GLY A 21 1.65 -2.05 -5.28
N THR A 22 1.83 -1.53 -6.48
CA THR A 22 2.16 -2.36 -7.60
C THR A 22 3.60 -2.87 -7.41
N ALA A 23 3.89 -4.02 -8.01
CA ALA A 23 5.24 -4.58 -7.96
C ALA A 23 6.23 -3.53 -8.37
N GLY A 24 7.34 -3.42 -7.64
CA GLY A 24 8.35 -2.45 -7.95
C GLY A 24 8.21 -1.16 -7.16
N SER A 25 7.01 -0.84 -6.70
CA SER A 25 6.76 0.45 -6.03
C SER A 25 7.57 0.66 -4.75
N GLY A 26 8.04 -0.43 -4.15
CA GLY A 26 8.85 -0.35 -2.94
C GLY A 26 8.19 -0.77 -1.63
N LYS A 27 7.20 -1.64 -1.66
CA LYS A 27 6.55 -2.05 -0.38
C LYS A 27 7.53 -2.64 0.63
N THR A 28 8.29 -3.62 0.17
CA THR A 28 9.28 -4.31 0.99
C THR A 28 10.35 -3.39 1.50
N THR A 29 10.90 -2.55 0.63
CA THR A 29 11.90 -1.61 1.06
C THR A 29 11.36 -0.68 2.15
N LEU A 30 10.13 -0.22 1.98
CA LEU A 30 9.55 0.71 2.94
C LEU A 30 9.21 0.02 4.23
N THR A 31 8.85 -1.27 4.15
CA THR A 31 8.55 -2.02 5.37
C THR A 31 9.80 -2.08 6.23
N GLY A 32 10.91 -2.54 5.66
CA GLY A 32 12.18 -2.62 6.39
C GLY A 32 12.61 -1.28 6.94
N GLU A 33 12.64 -0.27 6.10
CA GLU A 33 13.22 1.00 6.49
C GLU A 33 12.31 1.76 7.48
N PHE A 34 11.01 1.81 7.21
CA PHE A 34 10.08 2.44 8.17
C PHE A 34 10.12 1.68 9.53
N GLY A 35 10.34 0.36 9.46
CA GLY A 35 10.47 -0.47 10.66
C GLY A 35 11.67 -0.01 11.48
N ARG A 36 12.85 -0.01 10.87
CA ARG A 36 14.03 0.56 11.53
C ARG A 36 13.78 1.97 12.06
N TYR A 37 13.16 2.82 11.27
CA TYR A 37 12.79 4.12 11.80
C TYR A 37 12.01 3.99 13.13
N LEU A 38 11.01 3.13 13.16
CA LEU A 38 10.14 3.03 14.34
C LEU A 38 10.82 2.31 15.52
N GLU A 39 11.77 1.43 15.21
CA GLU A 39 12.54 0.73 16.23
C GLU A 39 13.55 1.64 16.94
N ASP A 40 13.17 2.89 17.20
CA ASP A 40 14.00 3.77 18.00
C ASP A 40 13.18 4.14 19.21
N ASN A 41 11.87 4.03 19.04
CA ASN A 41 10.93 4.44 20.05
C ASN A 41 9.83 3.40 20.31
N TYR A 42 9.87 2.27 19.59
CA TYR A 42 8.75 1.33 19.61
C TYR A 42 9.11 -0.13 19.50
N LYS A 43 8.16 -0.97 19.90
CA LYS A 43 8.22 -2.39 19.59
C LYS A 43 7.58 -2.66 18.20
N VAL A 44 8.36 -3.22 17.30
CA VAL A 44 7.90 -3.41 15.93
C VAL A 44 7.98 -4.86 15.50
N ALA A 45 6.91 -5.35 14.88
CA ALA A 45 6.93 -6.70 14.26
C ALA A 45 6.75 -6.67 12.73
N TYR A 46 7.39 -7.60 12.02
CA TYR A 46 7.24 -7.67 10.57
C TYR A 46 6.49 -8.91 10.10
N VAL A 47 5.64 -8.74 9.08
CA VAL A 47 4.83 -9.80 8.55
C VAL A 47 5.01 -9.80 7.03
N ASN A 48 5.61 -10.85 6.51
CA ASN A 48 5.69 -11.06 5.08
C ASN A 48 4.55 -11.97 4.59
N LEU A 49 3.66 -11.40 3.79
CA LEU A 49 2.62 -12.13 3.09
C LEU A 49 2.96 -12.46 1.62
N ASP A 50 4.18 -12.17 1.18
CA ASP A 50 4.58 -12.44 -0.20
C ASP A 50 5.23 -13.82 -0.35
N THR A 51 4.57 -14.70 -1.10
CA THR A 51 5.03 -16.05 -1.28
C THR A 51 6.20 -16.15 -2.25
N GLY A 52 6.24 -15.25 -3.22
CA GLY A 52 7.26 -15.29 -4.28
C GLY A 52 8.40 -14.31 -4.14
N VAL A 53 8.82 -14.03 -2.91
CA VAL A 53 9.87 -13.06 -2.69
C VAL A 53 11.19 -13.74 -2.31
N LYS A 54 12.31 -13.16 -2.74
CA LYS A 54 13.61 -13.81 -2.56
C LYS A 54 14.24 -13.47 -1.22
N GLU A 55 14.48 -12.19 -0.98
CA GLU A 55 15.22 -11.76 0.20
C GLU A 55 14.54 -10.57 0.86
N LEU A 56 14.56 -10.53 2.18
CA LEU A 56 13.89 -9.49 2.92
C LEU A 56 14.90 -8.66 3.70
N PRO A 57 14.69 -7.33 3.77
CA PRO A 57 15.65 -6.48 4.47
C PRO A 57 15.24 -6.36 5.92
N TYR A 58 14.23 -7.12 6.31
CA TYR A 58 13.83 -7.18 7.70
C TYR A 58 13.76 -8.64 8.12
N GLU A 59 13.59 -8.87 9.41
CA GLU A 59 13.48 -10.22 9.96
C GLU A 59 12.03 -10.40 10.35
N PRO A 60 11.35 -11.31 9.67
CA PRO A 60 9.91 -11.47 9.87
C PRO A 60 9.59 -12.38 11.04
N SER A 61 8.56 -12.02 11.80
CA SER A 61 7.99 -12.98 12.72
C SER A 61 7.12 -13.95 11.94
N ILE A 62 6.50 -13.46 10.88
CA ILE A 62 5.66 -14.28 10.03
C ILE A 62 6.17 -14.22 8.58
N ASP A 63 6.51 -15.39 8.06
CA ASP A 63 6.90 -15.50 6.67
C ASP A 63 6.07 -16.59 6.01
N VAL A 64 5.15 -16.22 5.12
CA VAL A 64 4.32 -17.23 4.46
C VAL A 64 5.14 -18.11 3.50
N ARG A 65 6.41 -17.79 3.30
CA ARG A 65 7.26 -18.59 2.40
C ARG A 65 7.64 -19.92 3.05
N GLU A 66 7.45 -20.00 4.37
CA GLU A 66 7.75 -21.21 5.11
C GLU A 66 6.70 -22.26 4.82
N PHE A 67 5.65 -21.87 4.09
CA PHE A 67 4.56 -22.79 3.83
C PHE A 67 4.46 -23.13 2.36
N VAL A 68 4.57 -22.09 1.54
CA VAL A 68 4.55 -22.29 0.11
C VAL A 68 5.30 -21.12 -0.51
N THR A 69 5.82 -21.34 -1.71
CA THR A 69 6.47 -20.28 -2.48
C THR A 69 6.06 -20.42 -3.94
N VAL A 70 6.09 -19.30 -4.66
CA VAL A 70 5.77 -19.33 -6.07
C VAL A 70 6.61 -20.36 -6.81
N GLU A 71 7.93 -20.16 -6.81
CA GLU A 71 8.81 -20.92 -7.69
C GLU A 71 8.72 -22.44 -7.44
N GLU A 72 8.56 -22.82 -6.18
CA GLU A 72 8.35 -24.22 -5.78
C GLU A 72 7.10 -24.81 -6.45
N ILE A 73 6.01 -24.03 -6.47
CA ILE A 73 4.79 -24.42 -7.15
C ILE A 73 4.99 -24.45 -8.66
N MET A 74 5.92 -23.63 -9.17
CA MET A 74 6.19 -23.58 -10.60
C MET A 74 6.92 -24.83 -11.10
N ARG A 75 7.62 -25.51 -10.20
CA ARG A 75 8.22 -26.79 -10.50
C ARG A 75 7.14 -27.88 -10.48
N GLU A 76 5.89 -27.50 -10.74
CA GLU A 76 4.83 -28.49 -10.91
C GLU A 76 4.18 -28.27 -12.26
N GLY A 77 4.75 -27.35 -13.03
CA GLY A 77 4.26 -27.04 -14.37
C GLY A 77 3.41 -25.79 -14.45
N TYR A 78 3.35 -25.03 -13.36
CA TYR A 78 2.58 -23.79 -13.34
C TYR A 78 3.31 -22.64 -14.01
N GLY A 79 2.57 -21.85 -14.79
CA GLY A 79 3.05 -20.57 -15.30
C GLY A 79 3.15 -19.59 -14.14
N PRO A 80 3.95 -18.52 -14.30
CA PRO A 80 4.19 -17.65 -13.18
C PRO A 80 2.89 -17.13 -12.57
N ASN A 81 1.98 -16.66 -13.42
CA ASN A 81 0.73 -16.07 -12.95
C ASN A 81 -0.21 -17.13 -12.40
N GLY A 82 0.12 -18.40 -12.69
CA GLY A 82 -0.65 -19.53 -12.18
C GLY A 82 -0.17 -19.97 -10.82
N ALA A 83 1.16 -19.98 -10.65
CA ALA A 83 1.77 -20.35 -9.37
C ALA A 83 1.56 -19.29 -8.26
N ILE A 84 1.48 -18.03 -8.66
CA ILE A 84 1.16 -16.95 -7.74
C ILE A 84 -0.22 -17.21 -7.17
N VAL A 85 -1.21 -17.23 -8.05
CA VAL A 85 -2.60 -17.45 -7.67
C VAL A 85 -2.73 -18.75 -6.88
N GLU A 86 -2.10 -19.80 -7.39
CA GLU A 86 -2.11 -21.09 -6.68
C GLU A 86 -1.49 -21.02 -5.29
N SER A 87 -0.51 -20.14 -5.08
CA SER A 87 0.17 -20.04 -3.78
C SER A 87 -0.77 -19.50 -2.70
N TYR A 88 -1.70 -18.65 -3.12
CA TYR A 88 -2.63 -18.01 -2.18
C TYR A 88 -3.87 -18.87 -1.93
N ASP A 89 -4.22 -19.69 -2.92
CA ASP A 89 -5.16 -20.79 -2.68
C ASP A 89 -4.61 -21.71 -1.58
N ARG A 90 -3.32 -22.01 -1.63
CA ARG A 90 -2.78 -22.94 -0.66
C ARG A 90 -2.69 -22.31 0.71
N LEU A 91 -2.40 -21.01 0.77
CA LEU A 91 -2.31 -20.32 2.07
C LEU A 91 -3.60 -20.36 2.84
N MET A 92 -4.72 -20.53 2.15
CA MET A 92 -5.99 -20.59 2.86
C MET A 92 -6.04 -21.77 3.83
N GLU A 93 -5.27 -22.82 3.56
CA GLU A 93 -5.15 -23.92 4.52
C GLU A 93 -4.66 -23.44 5.87
N LYS A 94 -3.94 -22.33 5.90
CA LYS A 94 -3.45 -21.76 7.15
C LYS A 94 -4.08 -20.42 7.42
N PHE A 95 -5.31 -20.22 6.96
CA PHE A 95 -5.92 -18.93 7.14
C PHE A 95 -6.02 -18.58 8.60
N ASN A 96 -6.74 -19.40 9.35
CA ASN A 96 -6.96 -19.09 10.75
C ASN A 96 -5.66 -19.03 11.55
N GLU A 97 -4.69 -19.86 11.18
CA GLU A 97 -3.41 -19.88 11.89
C GLU A 97 -2.66 -18.56 11.72
N TYR A 98 -2.53 -18.10 10.48
CA TYR A 98 -1.88 -16.82 10.20
C TYR A 98 -2.64 -15.64 10.78
N LEU A 99 -3.96 -15.69 10.72
CA LEU A 99 -4.75 -14.61 11.33
C LEU A 99 -4.43 -14.48 12.83
N ASN A 100 -4.48 -15.60 13.55
CA ASN A 100 -4.30 -15.56 14.99
C ASN A 100 -2.88 -15.15 15.36
N LYS A 101 -1.90 -15.69 14.64
CA LYS A 101 -0.52 -15.19 14.74
C LYS A 101 -0.42 -13.67 14.61
N ILE A 102 -1.06 -13.09 13.59
CA ILE A 102 -1.03 -11.64 13.43
C ILE A 102 -1.70 -10.96 14.63
N LEU A 103 -2.85 -11.47 15.07
CA LEU A 103 -3.58 -10.85 16.19
C LEU A 103 -2.74 -10.90 17.46
N ARG A 104 -1.88 -11.93 17.56
CA ARG A 104 -0.97 -12.10 18.69
C ARG A 104 0.21 -11.12 18.66
N LEU A 105 0.86 -10.99 17.50
CA LEU A 105 1.86 -9.93 17.27
C LEU A 105 1.31 -8.55 17.64
N GLU A 106 0.04 -8.31 17.34
CA GLU A 106 -0.62 -7.04 17.61
C GLU A 106 -0.68 -6.74 19.12
N LYS A 107 -0.76 -7.78 19.94
CA LYS A 107 -0.80 -7.61 21.40
C LYS A 107 0.62 -7.47 21.94
N GLU A 108 1.61 -7.93 21.19
CA GLU A 108 2.99 -7.97 21.70
C GLU A 108 3.89 -6.79 21.25
N ASN A 109 3.34 -5.90 20.42
CA ASN A 109 4.15 -4.85 19.77
C ASN A 109 3.34 -3.59 19.61
N ASP A 110 4.01 -2.45 19.45
CA ASP A 110 3.34 -1.20 19.13
C ASP A 110 3.05 -1.11 17.64
N TYR A 111 3.86 -1.77 16.82
CA TYR A 111 3.62 -1.75 15.37
C TYR A 111 3.78 -3.12 14.79
N VAL A 112 2.82 -3.51 13.95
CA VAL A 112 2.98 -4.67 13.09
C VAL A 112 2.96 -4.14 11.65
N LEU A 113 4.01 -4.40 10.89
CA LEU A 113 4.09 -3.87 9.57
C LEU A 113 3.86 -5.04 8.65
N ILE A 114 2.93 -4.86 7.72
CA ILE A 114 2.57 -5.97 6.87
C ILE A 114 2.99 -5.73 5.45
N ASP A 115 3.87 -6.58 4.98
CA ASP A 115 4.35 -6.48 3.63
C ASP A 115 3.53 -7.43 2.81
N THR A 116 3.03 -6.93 1.68
CA THR A 116 2.07 -7.69 0.89
C THR A 116 2.67 -8.35 -0.37
N PRO A 117 1.88 -9.21 -1.05
CA PRO A 117 2.24 -9.85 -2.31
C PRO A 117 2.78 -8.84 -3.31
N GLY A 118 3.87 -9.19 -3.98
CA GLY A 118 4.38 -8.41 -5.09
C GLY A 118 3.33 -7.70 -5.93
N GLN A 119 2.31 -8.43 -6.36
CA GLN A 119 1.21 -7.86 -7.15
C GLN A 119 0.06 -7.49 -6.23
N MET A 120 -0.40 -6.27 -6.27
CA MET A 120 -1.45 -5.94 -5.31
C MET A 120 -2.78 -6.62 -5.61
N GLU A 121 -2.98 -7.03 -6.87
CA GLU A 121 -4.21 -7.77 -7.21
C GLU A 121 -4.27 -9.14 -6.58
N THR A 122 -3.11 -9.71 -6.27
CA THR A 122 -3.13 -10.93 -5.50
C THR A 122 -3.75 -10.65 -4.15
N PHE A 123 -3.43 -9.50 -3.55
CA PHE A 123 -3.97 -9.11 -2.24
C PHE A 123 -5.44 -8.71 -2.34
N LEU A 124 -5.75 -7.93 -3.36
CA LEU A 124 -7.07 -7.30 -3.46
C LEU A 124 -8.14 -8.24 -3.98
N PHE A 125 -7.73 -9.23 -4.78
CA PHE A 125 -8.69 -10.14 -5.40
C PHE A 125 -8.72 -11.56 -4.86
N HIS A 126 -7.75 -11.94 -4.04
CA HIS A 126 -7.74 -13.27 -3.47
C HIS A 126 -8.36 -13.24 -2.07
N GLU A 127 -9.06 -14.30 -1.73
CA GLU A 127 -9.75 -14.46 -0.48
C GLU A 127 -8.83 -14.33 0.75
N PHE A 128 -7.60 -14.84 0.61
CA PHE A 128 -6.63 -14.80 1.71
C PHE A 128 -6.46 -13.40 2.28
N GLY A 129 -6.06 -12.48 1.41
CA GLY A 129 -5.73 -11.11 1.80
C GLY A 129 -6.97 -10.38 2.25
N VAL A 130 -8.02 -10.49 1.44
CA VAL A 130 -9.28 -9.85 1.74
C VAL A 130 -9.84 -10.27 3.12
N ARG A 131 -9.80 -11.57 3.41
CA ARG A 131 -10.40 -12.06 4.63
C ARG A 131 -9.48 -11.81 5.81
N LEU A 132 -8.19 -11.82 5.57
CA LEU A 132 -7.26 -11.46 6.61
C LEU A 132 -7.57 -10.01 7.03
N MET A 133 -7.61 -9.11 6.06
CA MET A 133 -7.85 -7.70 6.34
C MET A 133 -9.18 -7.43 7.02
N GLU A 134 -10.17 -8.23 6.68
CA GLU A 134 -11.51 -8.08 7.22
C GLU A 134 -11.58 -8.49 8.70
N ASN A 135 -10.68 -9.37 9.12
CA ASN A 135 -10.73 -9.87 10.48
C ASN A 135 -9.63 -9.26 11.34
N LEU A 136 -9.01 -8.21 10.82
CA LEU A 136 -7.98 -7.49 11.57
C LEU A 136 -8.58 -6.22 12.18
N PRO A 137 -8.07 -5.82 13.35
CA PRO A 137 -8.51 -4.62 14.07
C PRO A 137 -8.04 -3.30 13.43
N TYR A 138 -8.92 -2.66 12.66
CA TYR A 138 -8.71 -1.32 12.16
C TYR A 138 -7.35 -1.03 11.51
N PRO A 139 -6.82 -1.98 10.70
CA PRO A 139 -5.51 -1.75 10.09
C PRO A 139 -5.45 -0.51 9.21
N LEU A 140 -4.26 0.10 9.11
CA LEU A 140 -4.05 1.25 8.27
C LEU A 140 -3.38 0.71 7.00
N VAL A 141 -3.97 0.99 5.85
CA VAL A 141 -3.32 0.66 4.58
C VAL A 141 -2.58 1.88 4.07
N VAL A 142 -1.33 1.69 3.65
CA VAL A 142 -0.63 2.75 2.93
C VAL A 142 -0.43 2.29 1.49
N TYR A 143 -1.06 3.00 0.57
CA TYR A 143 -1.03 2.65 -0.85
C TYR A 143 -0.02 3.55 -1.53
N ILE A 144 1.04 2.95 -2.07
CA ILE A 144 2.20 3.67 -2.55
C ILE A 144 2.26 3.50 -4.05
N SER A 145 2.67 4.57 -4.72
CA SER A 145 2.74 4.68 -6.15
C SER A 145 4.11 5.16 -6.56
N ASP A 146 4.56 4.66 -7.70
CA ASP A 146 5.77 5.17 -8.29
C ASP A 146 5.39 6.48 -9.01
N PRO A 147 6.06 7.59 -8.66
CA PRO A 147 5.72 8.87 -9.35
C PRO A 147 5.79 8.75 -10.88
N GLU A 148 6.61 7.82 -11.37
CA GLU A 148 6.72 7.55 -12.80
C GLU A 148 5.38 7.28 -13.49
N ILE A 149 4.39 6.79 -12.74
CA ILE A 149 3.07 6.60 -13.34
C ILE A 149 2.38 7.92 -13.62
N LEU A 150 2.95 9.01 -13.09
CA LEU A 150 2.25 10.29 -13.06
C LEU A 150 2.57 11.21 -14.26
N LYS A 151 1.74 11.16 -15.30
CA LYS A 151 1.95 11.97 -16.50
C LYS A 151 0.87 13.03 -16.67
N LYS A 152 -0.29 12.58 -17.13
CA LYS A 152 -1.44 13.45 -17.34
C LYS A 152 -2.24 13.64 -16.04
N PRO A 153 -2.90 14.81 -15.92
CA PRO A 153 -3.79 15.21 -14.84
C PRO A 153 -4.63 14.09 -14.25
N ASN A 154 -5.16 13.20 -15.09
CA ASN A 154 -6.06 12.17 -14.57
C ASN A 154 -5.33 11.06 -13.83
N ASP A 155 -4.05 10.87 -14.16
CA ASP A 155 -3.18 10.03 -13.33
C ASP A 155 -3.34 10.40 -11.85
N TYR A 156 -3.27 11.70 -11.55
CA TYR A 156 -3.45 12.16 -10.18
C TYR A 156 -4.81 11.76 -9.61
N CYS A 157 -5.86 11.90 -10.40
CA CYS A 157 -7.20 11.47 -10.00
C CYS A 157 -7.28 9.95 -9.83
N PHE A 158 -6.54 9.25 -10.68
CA PHE A 158 -6.44 7.82 -10.66
C PHE A 158 -5.87 7.32 -9.33
N VAL A 159 -4.68 7.80 -8.96
CA VAL A 159 -4.10 7.51 -7.65
C VAL A 159 -5.12 7.60 -6.51
N ARG A 160 -5.77 8.76 -6.35
CA ARG A 160 -6.70 9.02 -5.24
C ARG A 160 -7.94 8.14 -5.29
N PHE A 161 -8.37 7.80 -6.50
CA PHE A 161 -9.52 6.91 -6.57
C PHE A 161 -9.12 5.46 -6.35
N PHE A 162 -7.93 5.08 -6.78
CA PHE A 162 -7.47 3.73 -6.49
C PHE A 162 -7.44 3.49 -4.96
N ALA A 163 -6.95 4.47 -4.19
CA ALA A 163 -6.92 4.36 -2.72
C ALA A 163 -8.30 4.16 -2.13
N LEU A 164 -9.25 4.90 -2.68
CA LEU A 164 -10.65 4.82 -2.26
C LEU A 164 -11.17 3.40 -2.48
N LEU A 165 -10.83 2.86 -3.65
CA LEU A 165 -11.22 1.51 -4.04
C LEU A 165 -10.60 0.42 -3.18
N ILE A 166 -9.30 0.54 -2.91
CA ILE A 166 -8.63 -0.37 -2.00
C ILE A 166 -9.36 -0.29 -0.67
N ASP A 167 -9.66 0.94 -0.27
CA ASP A 167 -10.39 1.21 0.95
C ASP A 167 -11.76 0.49 0.90
N LEU A 168 -12.48 0.65 -0.19
CA LEU A 168 -13.75 -0.03 -0.34
C LEU A 168 -13.53 -1.54 -0.19
N ARG A 169 -12.66 -2.07 -1.05
CA ARG A 169 -12.40 -3.50 -1.16
C ARG A 169 -11.87 -4.20 0.11
N LEU A 170 -10.99 -3.55 0.87
CA LEU A 170 -10.39 -4.17 2.06
C LEU A 170 -11.08 -3.74 3.34
N GLY A 171 -11.89 -2.69 3.26
CA GLY A 171 -12.57 -2.18 4.47
C GLY A 171 -11.56 -1.70 5.51
N ALA A 172 -10.58 -0.95 5.06
CA ALA A 172 -9.57 -0.39 5.92
C ALA A 172 -9.21 0.96 5.34
N THR A 173 -8.99 1.94 6.21
CA THR A 173 -8.52 3.24 5.80
C THR A 173 -7.23 3.11 5.01
N THR A 174 -7.21 3.78 3.88
CA THR A 174 -6.08 3.67 2.97
C THR A 174 -5.52 5.04 2.74
N ILE A 175 -4.24 5.17 3.02
CA ILE A 175 -3.51 6.42 2.80
C ILE A 175 -2.76 6.35 1.49
N PRO A 176 -3.08 7.25 0.55
CA PRO A 176 -2.32 7.35 -0.70
C PRO A 176 -0.92 7.92 -0.52
N ALA A 177 0.10 7.27 -1.08
CA ALA A 177 1.45 7.75 -0.96
C ALA A 177 2.31 7.59 -2.23
N LEU A 178 3.21 8.53 -2.47
CA LEU A 178 4.22 8.32 -3.48
C LEU A 178 5.43 7.82 -2.72
N ASN A 179 6.17 6.91 -3.31
CA ASN A 179 7.42 6.45 -2.74
C ASN A 179 8.53 6.87 -3.70
N LYS A 180 9.78 6.67 -3.30
CA LYS A 180 10.94 7.07 -4.09
C LYS A 180 10.97 8.55 -4.42
N VAL A 181 10.39 9.39 -3.58
CA VAL A 181 10.38 10.80 -3.93
C VAL A 181 11.79 11.39 -4.01
N ASP A 182 12.78 10.67 -3.47
CA ASP A 182 14.18 11.12 -3.54
C ASP A 182 14.72 11.16 -4.97
N LEU A 183 14.11 10.41 -5.88
CA LEU A 183 14.52 10.34 -7.29
C LEU A 183 14.04 11.56 -8.07
N LEU A 184 13.10 12.29 -7.50
CA LEU A 184 12.45 13.40 -8.17
C LEU A 184 13.32 14.65 -8.13
N SER A 185 13.37 15.37 -9.23
CA SER A 185 13.95 16.70 -9.22
C SER A 185 12.97 17.58 -8.46
N GLU A 186 13.44 18.73 -7.97
CA GLU A 186 12.56 19.64 -7.24
C GLU A 186 11.47 20.25 -8.12
N GLU A 187 11.75 20.42 -9.40
CA GLU A 187 10.71 20.75 -10.38
C GLU A 187 9.57 19.72 -10.28
N GLU A 188 9.89 18.45 -10.55
CA GLU A 188 8.88 17.38 -10.49
C GLU A 188 8.25 17.33 -9.11
N LYS A 189 9.09 17.29 -8.08
CA LYS A 189 8.59 17.35 -6.70
C LYS A 189 7.40 18.32 -6.59
N GLU A 190 7.65 19.60 -6.83
CA GLU A 190 6.63 20.64 -6.71
C GLU A 190 5.46 20.48 -7.69
N ARG A 191 5.77 20.03 -8.90
CA ARG A 191 4.74 19.83 -9.91
C ARG A 191 3.66 18.85 -9.45
N HIS A 192 4.07 17.83 -8.71
CA HIS A 192 3.13 16.83 -8.18
C HIS A 192 2.34 17.37 -7.00
N ARG A 193 3.02 18.15 -6.16
CA ARG A 193 2.38 18.73 -4.98
C ARG A 193 1.18 19.58 -5.36
N LYS A 194 1.37 20.46 -6.34
CA LYS A 194 0.31 21.36 -6.81
C LYS A 194 -0.94 20.57 -7.14
N TYR A 195 -0.77 19.55 -7.99
CA TYR A 195 -1.89 18.72 -8.42
C TYR A 195 -2.49 17.99 -7.24
N PHE A 196 -1.62 17.48 -6.37
CA PHE A 196 -2.07 16.73 -5.22
C PHE A 196 -2.57 17.64 -4.10
N GLU A 197 -1.84 18.73 -3.82
CA GLU A 197 -2.25 19.65 -2.76
C GLU A 197 -3.48 20.39 -3.21
N ASP A 198 -3.26 21.43 -4.01
CA ASP A 198 -4.35 22.27 -4.51
C ASP A 198 -5.32 21.45 -5.35
N ILE A 199 -6.56 21.38 -4.87
CA ILE A 199 -7.63 20.67 -5.56
C ILE A 199 -8.12 21.45 -6.78
N ASP A 200 -8.54 22.70 -6.56
CA ASP A 200 -9.05 23.53 -7.63
C ASP A 200 -8.05 23.64 -8.79
N TYR A 201 -6.80 23.26 -8.53
CA TYR A 201 -5.75 23.31 -9.54
C TYR A 201 -5.83 22.17 -10.56
N LEU A 202 -5.89 20.94 -10.05
CA LEU A 202 -6.04 19.77 -10.91
C LEU A 202 -7.37 19.93 -11.66
N THR A 203 -8.40 20.32 -10.92
CA THR A 203 -9.74 20.51 -11.46
C THR A 203 -9.76 21.46 -12.65
N ALA A 204 -8.93 22.51 -12.57
CA ALA A 204 -8.79 23.47 -13.64
C ALA A 204 -8.21 22.80 -14.88
N ARG A 205 -7.18 21.97 -14.67
CA ARG A 205 -6.46 21.32 -15.77
C ARG A 205 -7.28 20.17 -16.37
N LEU A 206 -8.30 19.74 -15.63
CA LEU A 206 -9.24 18.74 -16.10
C LEU A 206 -10.36 19.39 -16.91
N LYS A 207 -10.54 20.69 -16.69
CA LYS A 207 -11.54 21.47 -17.41
C LYS A 207 -11.17 21.60 -18.88
N LEU A 208 -9.95 22.07 -19.15
CA LEU A 208 -9.52 22.28 -20.54
C LEU A 208 -9.23 20.98 -21.26
N ASP A 209 -10.06 19.97 -21.00
CA ASP A 209 -9.93 18.67 -21.62
C ASP A 209 -11.19 18.34 -22.43
N PRO A 210 -11.12 18.59 -23.76
CA PRO A 210 -12.25 18.43 -24.67
C PRO A 210 -12.53 16.96 -24.96
N SER A 211 -11.48 16.15 -24.85
CA SER A 211 -11.54 14.72 -25.12
C SER A 211 -12.53 13.97 -24.22
N MET A 212 -12.82 12.72 -24.57
CA MET A 212 -13.75 11.89 -23.82
C MET A 212 -13.33 11.76 -22.38
N GLN A 213 -12.18 11.14 -22.15
CA GLN A 213 -11.61 11.02 -20.81
C GLN A 213 -10.87 12.29 -20.43
N GLY A 214 -11.17 12.81 -19.25
CA GLY A 214 -10.66 14.12 -18.82
C GLY A 214 -11.84 14.93 -18.33
N LEU A 215 -12.84 15.05 -19.20
CA LEU A 215 -14.16 15.48 -18.76
C LEU A 215 -14.59 14.39 -17.78
N MET A 216 -14.48 13.15 -18.25
CA MET A 216 -14.62 11.99 -17.37
C MET A 216 -13.40 11.93 -16.46
N ALA A 217 -13.56 12.48 -15.26
CA ALA A 217 -12.46 12.71 -14.33
C ALA A 217 -12.69 14.07 -13.68
N TYR A 218 -13.04 15.05 -14.52
CA TYR A 218 -13.47 16.36 -14.05
C TYR A 218 -14.79 16.16 -13.33
N LYS A 219 -15.79 15.64 -14.05
CA LYS A 219 -17.08 15.34 -13.45
C LYS A 219 -16.97 14.34 -12.30
N MET A 220 -15.90 13.56 -12.29
CA MET A 220 -15.64 12.62 -11.21
C MET A 220 -15.21 13.36 -9.95
N CYS A 221 -13.90 13.63 -9.88
CA CYS A 221 -13.25 14.28 -8.75
C CYS A 221 -13.92 15.59 -8.35
N SER A 222 -14.73 16.14 -9.26
CA SER A 222 -15.39 17.44 -9.07
C SER A 222 -16.33 17.48 -7.87
N MET A 223 -16.59 16.31 -7.29
CA MET A 223 -17.47 16.20 -6.14
C MET A 223 -16.92 16.96 -4.93
N MET A 224 -15.59 16.92 -4.76
CA MET A 224 -14.90 17.56 -3.63
C MET A 224 -15.65 17.52 -2.28
N THR A 225 -16.93 17.87 -2.30
CA THR A 225 -17.76 17.78 -1.10
C THR A 225 -17.90 16.31 -0.66
N GLU A 226 -18.37 15.48 -1.59
CA GLU A 226 -18.53 14.05 -1.32
C GLU A 226 -17.21 13.42 -0.90
N VAL A 227 -16.32 13.19 -1.86
CA VAL A 227 -15.05 12.51 -1.59
C VAL A 227 -14.73 12.46 -0.11
N LEU A 228 -14.21 13.56 0.43
CA LEU A 228 -13.82 13.59 1.82
C LEU A 228 -12.56 14.46 2.02
N PRO A 229 -12.75 15.64 2.63
CA PRO A 229 -11.74 16.66 2.85
C PRO A 229 -10.30 16.12 2.91
N PRO A 230 -9.96 15.33 3.95
CA PRO A 230 -8.62 14.75 4.09
C PRO A 230 -8.13 13.94 2.89
N VAL A 231 -7.37 12.87 3.18
CA VAL A 231 -6.60 12.11 2.19
C VAL A 231 -5.56 12.98 1.48
N ARG A 232 -4.92 13.85 2.26
CA ARG A 232 -3.68 14.46 1.83
C ARG A 232 -2.74 13.29 1.52
N VAL A 233 -1.98 13.43 0.44
CA VAL A 233 -1.06 12.43 -0.06
C VAL A 233 0.31 12.51 0.64
N LEU A 234 0.86 11.35 0.98
CA LEU A 234 2.16 11.31 1.63
C LEU A 234 3.27 11.16 0.60
N TYR A 235 4.38 11.82 0.89
CA TYR A 235 5.58 11.71 0.09
C TYR A 235 6.61 10.95 0.89
N LEU A 236 6.90 9.72 0.48
CA LEU A 236 7.81 8.93 1.30
C LEU A 236 9.05 8.63 0.51
N SER A 237 10.14 8.35 1.21
CA SER A 237 11.30 7.78 0.57
C SER A 237 12.03 6.86 1.55
N ALA A 238 12.24 5.60 1.15
CA ALA A 238 12.96 4.68 2.01
C ALA A 238 14.43 5.03 2.08
N LYS A 239 14.91 5.81 1.12
CA LYS A 239 16.32 6.16 1.06
C LYS A 239 16.68 7.28 2.03
N THR A 240 15.87 8.35 2.04
CA THR A 240 16.17 9.52 2.88
C THR A 240 15.31 9.53 4.14
N ARG A 241 14.41 8.56 4.23
CA ARG A 241 13.40 8.51 5.29
C ARG A 241 12.44 9.70 5.28
N GLU A 242 12.38 10.35 4.12
CA GLU A 242 11.42 11.38 3.97
C GLU A 242 10.01 10.85 4.27
N GLY A 243 9.23 11.65 4.99
CA GLY A 243 7.82 11.40 5.13
C GLY A 243 7.48 10.50 6.28
N PHE A 244 8.47 9.75 6.78
CA PHE A 244 8.25 8.82 7.89
C PHE A 244 7.53 9.42 9.10
N GLU A 245 7.93 10.62 9.51
CA GLU A 245 7.27 11.30 10.64
C GLU A 245 5.82 11.60 10.32
N ASP A 246 5.54 11.98 9.07
CA ASP A 246 4.15 12.16 8.66
C ASP A 246 3.35 10.83 8.76
N LEU A 247 3.95 9.74 8.31
CA LEU A 247 3.30 8.43 8.38
C LEU A 247 3.08 8.03 9.82
N GLU A 248 4.15 8.12 10.58
CA GLU A 248 4.10 7.78 11.99
C GLU A 248 2.94 8.55 12.61
N THR A 249 2.82 9.81 12.23
CA THR A 249 1.79 10.70 12.76
C THR A 249 0.41 10.26 12.34
N LEU A 250 0.24 10.02 11.04
CA LEU A 250 -1.04 9.55 10.52
C LEU A 250 -1.53 8.26 11.18
N ALA A 251 -0.59 7.43 11.59
CA ALA A 251 -0.90 6.11 12.12
C ALA A 251 -1.40 6.15 13.57
N TYR A 252 -0.76 6.96 14.40
CA TYR A 252 -1.25 7.19 15.77
C TYR A 252 -2.57 7.95 15.69
N GLU A 253 -2.68 8.90 14.77
CA GLU A 253 -3.94 9.62 14.55
C GLU A 253 -5.09 8.73 14.12
N HIS A 254 -4.78 7.64 13.41
CA HIS A 254 -5.78 6.70 12.93
C HIS A 254 -6.16 5.77 14.07
N TYR A 255 -5.17 5.47 14.90
CA TYR A 255 -5.34 4.68 16.10
C TYR A 255 -6.19 5.42 17.15
N CYS A 256 -6.32 6.74 16.99
CA CYS A 256 -7.07 7.55 17.94
C CYS A 256 -8.55 7.51 17.63
#